data_5PHD
#
_entry.id   5PHD
#
_cell.length_a   71.477
_cell.length_b   71.477
_cell.length_c   150.305
_cell.angle_alpha   90.000
_cell.angle_beta   90.000
_cell.angle_gamma   90.000
#
_symmetry.space_group_name_H-M   'P 43 21 2'
#
loop_
_entity.id
_entity.type
_entity.pdbx_description
1 polymer 'Lysine-specific demethylase 4D'
2 non-polymer 'ZINC ION'
3 non-polymer 'NICKEL (II) ION'
4 non-polymer N-OXALYLGLYCINE
5 non-polymer 1,2-ETHANEDIOL
6 non-polymer 'SULFATE ION'
7 non-polymer 4-NITROCATECHOL
8 water water
#
_entity_poly.entity_id   1
_entity_poly.type   'polypeptide(L)'
_entity_poly.pdbx_seq_one_letter_code
;MHHHHHHSSGVDLGTENLYFQSMETMKSKANCAQNPNCNIMIFHPTKEEFNDFDKYIAYMESQGAHRAGLAKIIPPKEWK
ARETYDNISEILIATPLQQVASGRAGVFTQYHKKKKAMTVGEYRHLANSKKYQTPPHQNFEDLERKYWKNRIYNSPIYGA
DISGSLFDENTKQWNLGHLGTIQDLLEKECGVVIEGVNTPYLYFGMWKTTFAWHTEDMDLYSINYLHLGEPKTWYVVPPE
HGQRLERLARELFPGSSRGCGAFLRHKVALISPTVLKENGIPFNRITQEAGEFMVTFPYGYHAGFNHGFNCAEAINFATP
RWIDYGKMASQCSCGEARVTFSMDAFVRILQPERYDLWKRGQDR
;
_entity_poly.pdbx_strand_id   A
#
# COMPACT_ATOMS: atom_id res chain seq x y z
N ALA A 33 -21.34 -2.56 -18.49
CA ALA A 33 -20.39 -2.24 -17.43
C ALA A 33 -18.94 -2.25 -17.93
N GLN A 34 -18.19 -1.24 -17.54
CA GLN A 34 -16.81 -1.10 -17.97
C GLN A 34 -15.88 -2.05 -17.22
N ASN A 35 -14.91 -2.62 -17.94
CA ASN A 35 -13.91 -3.52 -17.36
C ASN A 35 -14.51 -4.68 -16.55
N PRO A 36 -15.43 -5.44 -17.16
CA PRO A 36 -16.12 -6.48 -16.37
C PRO A 36 -15.21 -7.61 -15.87
N ASN A 37 -14.09 -7.85 -16.55
CA ASN A 37 -13.16 -8.89 -16.12
C ASN A 37 -12.22 -8.37 -15.02
N CYS A 38 -12.33 -7.09 -14.66
CA CYS A 38 -11.56 -6.52 -13.56
C CYS A 38 -10.05 -6.55 -13.82
N ASN A 39 -9.65 -6.27 -15.07
CA ASN A 39 -8.24 -6.19 -15.41
C ASN A 39 -7.60 -4.93 -14.87
N ILE A 40 -6.32 -5.01 -14.55
CA ILE A 40 -5.56 -3.82 -14.17
C ILE A 40 -5.38 -2.97 -15.42
N MET A 41 -5.84 -1.73 -15.35
CA MET A 41 -5.72 -0.80 -16.47
C MET A 41 -4.50 0.12 -16.30
N ILE A 42 -3.93 0.51 -17.42
CA ILE A 42 -2.78 1.40 -17.47
C ILE A 42 -3.16 2.67 -18.22
N PHE A 43 -2.87 3.82 -17.62
CA PHE A 43 -3.28 5.11 -18.18
C PHE A 43 -2.08 5.96 -18.54
N HIS A 44 -2.22 6.69 -19.64
CA HIS A 44 -1.21 7.61 -20.12
C HIS A 44 -1.78 9.01 -20.26
N PRO A 45 -2.03 9.70 -19.13
CA PRO A 45 -2.59 11.05 -19.23
C PRO A 45 -1.68 12.02 -19.98
N THR A 46 -2.28 12.92 -20.74
CA THR A 46 -1.55 14.02 -21.35
C THR A 46 -1.19 15.02 -20.26
N LYS A 47 -0.32 15.97 -20.57
CA LYS A 47 0.07 16.95 -19.56
C LYS A 47 -1.13 17.81 -19.16
N GLU A 48 -2.05 18.06 -20.10
CA GLU A 48 -3.26 18.79 -19.78
C GLU A 48 -4.16 17.99 -18.84
N GLU A 49 -4.26 16.68 -19.08
CA GLU A 49 -5.08 15.81 -18.25
C GLU A 49 -4.48 15.61 -16.86
N PHE A 50 -3.20 15.90 -16.72
CA PHE A 50 -2.46 15.66 -15.48
C PHE A 50 -2.60 16.82 -14.49
N ASN A 51 -3.29 17.87 -14.89
N ASN A 51 -3.31 17.87 -14.87
CA ASN A 51 -3.45 19.04 -14.02
CA ASN A 51 -3.43 19.04 -14.00
C ASN A 51 -4.41 18.78 -12.87
C ASN A 51 -4.47 18.90 -12.90
N ASP A 52 -5.56 18.19 -13.18
CA ASP A 52 -6.64 18.04 -12.21
C ASP A 52 -6.69 16.61 -11.70
N PHE A 53 -6.14 16.39 -10.51
CA PHE A 53 -6.02 15.06 -9.94
C PHE A 53 -7.38 14.38 -9.75
N ASP A 54 -8.28 15.06 -9.04
N ASP A 54 -8.30 15.06 -9.08
CA ASP A 54 -9.61 14.48 -8.77
CA ASP A 54 -9.59 14.46 -8.76
C ASP A 54 -10.33 14.10 -10.05
C ASP A 54 -10.42 14.16 -10.01
N LYS A 55 -10.26 14.97 -11.05
CA LYS A 55 -10.95 14.75 -12.30
C LYS A 55 -10.39 13.50 -13.00
N TYR A 56 -9.09 13.28 -12.92
CA TYR A 56 -8.52 12.13 -13.61
C TYR A 56 -8.84 10.83 -12.89
N ILE A 57 -8.88 10.85 -11.55
CA ILE A 57 -9.30 9.66 -10.81
C ILE A 57 -10.73 9.31 -11.22
N ALA A 58 -11.61 10.31 -11.28
CA ALA A 58 -12.98 10.08 -11.70
C ALA A 58 -13.04 9.52 -13.13
N TYR A 59 -12.18 10.04 -14.02
CA TYR A 59 -12.12 9.53 -15.37
C TYR A 59 -11.71 8.04 -15.40
N MET A 60 -10.68 7.68 -14.63
N MET A 60 -10.67 7.69 -14.64
CA MET A 60 -10.23 6.30 -14.58
CA MET A 60 -10.23 6.29 -14.60
C MET A 60 -11.37 5.38 -14.15
C MET A 60 -11.38 5.39 -14.15
N GLU A 61 -12.13 5.82 -13.15
CA GLU A 61 -13.25 5.03 -12.67
C GLU A 61 -14.37 4.94 -13.72
N SER A 62 -14.57 5.99 -14.51
CA SER A 62 -15.58 5.96 -15.56
C SER A 62 -15.22 4.89 -16.60
N GLN A 63 -13.95 4.52 -16.67
CA GLN A 63 -13.50 3.48 -17.57
C GLN A 63 -13.42 2.11 -16.89
N GLY A 64 -13.85 2.04 -15.63
CA GLY A 64 -13.88 0.79 -14.90
C GLY A 64 -12.59 0.41 -14.19
N ALA A 65 -11.65 1.34 -14.06
CA ALA A 65 -10.34 1.01 -13.49
C ALA A 65 -10.45 0.43 -12.08
N HIS A 66 -11.35 0.99 -11.29
CA HIS A 66 -11.47 0.57 -9.89
C HIS A 66 -11.86 -0.89 -9.74
N ARG A 67 -12.47 -1.49 -10.76
CA ARG A 67 -12.92 -2.87 -10.61
C ARG A 67 -11.75 -3.82 -10.38
N ALA A 68 -10.57 -3.47 -10.87
CA ALA A 68 -9.36 -4.28 -10.64
C ALA A 68 -8.85 -4.16 -9.21
N GLY A 69 -9.10 -3.03 -8.55
CA GLY A 69 -8.50 -2.75 -7.26
C GLY A 69 -7.19 -1.98 -7.34
N LEU A 70 -6.61 -1.89 -8.54
CA LEU A 70 -5.30 -1.29 -8.76
C LEU A 70 -5.23 -0.76 -10.19
N ALA A 71 -4.63 0.41 -10.38
CA ALA A 71 -4.36 0.95 -11.72
C ALA A 71 -2.94 1.49 -11.76
N LYS A 72 -2.34 1.47 -12.95
CA LYS A 72 -1.06 2.14 -13.19
C LYS A 72 -1.28 3.44 -13.95
N ILE A 73 -0.56 4.48 -13.56
CA ILE A 73 -0.61 5.75 -14.28
C ILE A 73 0.82 6.16 -14.65
N ILE A 74 1.07 6.26 -15.95
CA ILE A 74 2.36 6.68 -16.45
C ILE A 74 2.28 8.19 -16.71
N PRO A 75 3.11 8.98 -16.00
CA PRO A 75 3.02 10.44 -16.16
C PRO A 75 3.41 10.89 -17.56
N PRO A 76 2.90 12.04 -17.98
CA PRO A 76 3.32 12.55 -19.29
C PRO A 76 4.83 12.82 -19.30
N LYS A 77 5.42 12.74 -20.49
CA LYS A 77 6.86 12.85 -20.62
C LYS A 77 7.41 14.20 -20.16
N GLU A 78 6.55 15.21 -20.14
CA GLU A 78 6.98 16.55 -19.74
C GLU A 78 7.10 16.70 -18.22
N TRP A 79 6.61 15.71 -17.47
CA TRP A 79 6.53 15.81 -16.01
C TRP A 79 7.73 15.20 -15.32
N LYS A 80 8.09 15.77 -14.17
CA LYS A 80 9.05 15.11 -13.28
C LYS A 80 8.74 15.41 -11.82
N ALA A 81 9.06 14.46 -10.95
CA ALA A 81 8.80 14.60 -9.53
C ALA A 81 9.75 15.59 -8.87
N ARG A 82 11.01 15.56 -9.31
CA ARG A 82 12.05 16.47 -8.82
C ARG A 82 13.18 16.43 -9.83
N GLU A 83 14.17 17.30 -9.67
CA GLU A 83 15.23 17.41 -10.67
C GLU A 83 16.17 16.20 -10.64
N THR A 84 16.67 15.86 -9.46
CA THR A 84 17.59 14.72 -9.30
CA THR A 84 17.60 14.73 -9.31
C THR A 84 17.40 14.05 -7.96
N TYR A 85 17.89 12.82 -7.83
CA TYR A 85 17.86 12.12 -6.56
C TYR A 85 19.26 12.06 -5.93
N ASP A 86 20.10 13.04 -6.29
CA ASP A 86 21.52 13.02 -5.93
C ASP A 86 21.86 13.23 -4.46
N ASN A 87 21.00 13.90 -3.71
CA ASN A 87 21.33 14.29 -2.35
C ASN A 87 20.38 13.72 -1.30
N ILE A 88 19.96 12.48 -1.48
CA ILE A 88 19.02 11.85 -0.57
C ILE A 88 19.68 10.91 0.44
N SER A 89 21.01 10.79 0.39
CA SER A 89 21.67 9.75 1.16
C SER A 89 21.68 10.01 2.66
N GLU A 90 21.39 11.25 3.06
CA GLU A 90 21.44 11.59 4.47
C GLU A 90 20.08 11.54 5.15
N ILE A 91 19.04 11.20 4.41
CA ILE A 91 17.76 10.86 5.00
C ILE A 91 17.98 9.72 6.00
N LEU A 92 17.38 9.82 7.18
CA LEU A 92 17.54 8.78 8.19
C LEU A 92 16.37 7.80 8.18
N ILE A 93 16.71 6.52 8.20
CA ILE A 93 15.74 5.46 8.46
C ILE A 93 15.87 5.13 9.95
N ALA A 94 15.04 5.75 10.78
CA ALA A 94 15.21 5.66 12.23
C ALA A 94 15.00 4.24 12.75
N THR A 95 14.10 3.51 12.11
CA THR A 95 13.76 2.16 12.55
C THR A 95 13.62 1.20 11.37
N PRO A 96 14.76 0.76 10.81
CA PRO A 96 14.68 -0.25 9.76
C PRO A 96 14.06 -1.53 10.30
N LEU A 97 13.30 -2.24 9.47
CA LEU A 97 12.58 -3.43 9.92
C LEU A 97 13.08 -4.69 9.19
N GLN A 98 13.57 -5.64 9.96
CA GLN A 98 13.98 -6.94 9.42
C GLN A 98 12.74 -7.83 9.34
N GLN A 99 12.42 -8.29 8.12
CA GLN A 99 11.16 -8.98 7.88
C GLN A 99 11.37 -10.49 7.94
N VAL A 100 11.11 -11.06 9.12
CA VAL A 100 11.39 -12.46 9.37
C VAL A 100 10.15 -13.32 9.08
N ALA A 101 10.30 -14.34 8.24
CA ALA A 101 9.15 -15.16 7.84
C ALA A 101 9.00 -16.45 8.64
N SER A 102 7.76 -16.91 8.72
CA SER A 102 7.41 -18.20 9.32
CA SER A 102 7.47 -18.22 9.28
C SER A 102 6.34 -18.88 8.49
N GLY A 103 6.45 -20.18 8.28
CA GLY A 103 5.42 -20.89 7.55
C GLY A 103 5.99 -21.66 6.39
N ARG A 104 5.22 -21.76 5.31
N ARG A 104 5.23 -21.68 5.30
CA ARG A 104 5.72 -22.42 4.11
CA ARG A 104 5.59 -22.39 4.09
C ARG A 104 5.86 -21.41 2.98
C ARG A 104 5.87 -21.37 2.98
N ALA A 105 6.54 -21.81 1.91
CA ALA A 105 6.98 -20.89 0.87
C ALA A 105 5.85 -20.05 0.30
N GLY A 106 4.67 -20.65 0.13
CA GLY A 106 3.55 -19.94 -0.46
C GLY A 106 2.49 -19.45 0.51
N VAL A 107 2.63 -19.78 1.79
CA VAL A 107 1.68 -19.38 2.83
C VAL A 107 2.48 -19.11 4.11
N PHE A 108 2.75 -17.85 4.37
CA PHE A 108 3.62 -17.52 5.49
C PHE A 108 3.21 -16.20 6.13
N THR A 109 3.67 -15.99 7.36
CA THR A 109 3.55 -14.69 7.99
C THR A 109 4.92 -14.06 8.13
N GLN A 110 4.96 -12.76 8.32
CA GLN A 110 6.24 -12.10 8.60
C GLN A 110 6.08 -11.20 9.79
N TYR A 111 7.11 -11.16 10.62
CA TYR A 111 7.09 -10.18 11.70
C TYR A 111 8.27 -9.24 11.49
N HIS A 112 8.15 -8.06 12.06
CA HIS A 112 9.11 -7.00 11.84
C HIS A 112 9.96 -6.83 13.07
N LYS A 113 11.24 -7.15 12.94
CA LYS A 113 12.21 -6.97 14.01
C LYS A 113 12.90 -5.63 13.84
N LYS A 114 12.87 -4.79 14.87
CA LYS A 114 13.47 -3.47 14.77
C LYS A 114 14.98 -3.54 14.78
N LYS A 115 15.61 -2.77 13.90
CA LYS A 115 17.07 -2.70 13.82
C LYS A 115 17.53 -1.29 14.15
N LYS A 116 18.83 -1.12 14.35
CA LYS A 116 19.37 0.20 14.65
C LYS A 116 19.26 1.14 13.44
N ALA A 117 19.18 2.44 13.71
CA ALA A 117 19.01 3.44 12.68
C ALA A 117 20.15 3.42 11.67
N MET A 118 19.82 3.77 10.42
N MET A 118 19.81 3.69 10.41
CA MET A 118 20.84 3.94 9.41
CA MET A 118 20.80 3.91 9.36
C MET A 118 20.37 4.95 8.37
C MET A 118 20.37 5.06 8.46
N THR A 119 21.32 5.62 7.73
CA THR A 119 20.98 6.57 6.68
C THR A 119 20.58 5.81 5.41
N VAL A 120 19.95 6.53 4.49
CA VAL A 120 19.59 5.95 3.20
C VAL A 120 20.85 5.51 2.45
N GLY A 121 21.94 6.26 2.57
CA GLY A 121 23.20 5.84 1.96
C GLY A 121 23.69 4.51 2.51
N GLU A 122 23.62 4.34 3.83
CA GLU A 122 24.00 3.08 4.44
C GLU A 122 23.07 1.95 4.03
N TYR A 123 21.77 2.25 3.96
CA TYR A 123 20.78 1.27 3.57
C TYR A 123 20.98 0.79 2.13
N ARG A 124 21.27 1.73 1.23
CA ARG A 124 21.54 1.41 -0.16
C ARG A 124 22.75 0.46 -0.26
N HIS A 125 23.82 0.78 0.47
CA HIS A 125 24.99 -0.07 0.49
C HIS A 125 24.67 -1.48 0.99
N LEU A 126 23.84 -1.56 2.02
CA LEU A 126 23.42 -2.85 2.57
C LEU A 126 22.60 -3.62 1.53
N ALA A 127 21.66 -2.94 0.89
CA ALA A 127 20.83 -3.55 -0.14
C ALA A 127 21.66 -4.16 -1.26
N ASN A 128 22.77 -3.50 -1.59
CA ASN A 128 23.61 -3.93 -2.70
C ASN A 128 24.71 -4.92 -2.30
N SER A 129 24.78 -5.26 -1.02
CA SER A 129 25.78 -6.20 -0.54
C SER A 129 25.48 -7.61 -1.02
N LYS A 130 26.47 -8.50 -0.98
CA LYS A 130 26.24 -9.85 -1.45
C LYS A 130 25.09 -10.56 -0.71
N LYS A 131 24.95 -10.29 0.58
CA LYS A 131 23.93 -10.95 1.38
C LYS A 131 22.52 -10.59 0.92
N TYR A 132 22.32 -9.35 0.48
CA TYR A 132 20.98 -8.83 0.23
C TYR A 132 20.65 -8.50 -1.23
N GLN A 133 21.64 -8.48 -2.10
N GLN A 133 21.65 -8.49 -2.10
CA GLN A 133 21.43 -8.02 -3.47
CA GLN A 133 21.43 -8.03 -3.47
C GLN A 133 20.56 -8.98 -4.28
C GLN A 133 20.59 -8.99 -4.31
N THR A 134 19.85 -8.41 -5.26
CA THR A 134 19.06 -9.18 -6.21
C THR A 134 19.93 -10.21 -6.92
N PRO A 135 19.46 -11.47 -6.99
CA PRO A 135 20.22 -12.51 -7.67
C PRO A 135 20.18 -12.34 -9.18
N PRO A 136 21.13 -12.97 -9.89
CA PRO A 136 21.03 -13.04 -11.35
C PRO A 136 19.68 -13.62 -11.76
N HIS A 137 19.08 -13.09 -12.82
CA HIS A 137 17.78 -13.54 -13.27
C HIS A 137 17.57 -13.14 -14.72
N GLN A 138 16.70 -13.86 -15.41
CA GLN A 138 16.48 -13.64 -16.85
CA GLN A 138 16.49 -13.63 -16.85
C GLN A 138 15.52 -12.49 -17.14
N ASN A 139 14.48 -12.36 -16.33
CA ASN A 139 13.43 -11.36 -16.54
C ASN A 139 12.57 -11.20 -15.28
N PHE A 140 11.51 -10.40 -15.34
CA PHE A 140 10.63 -10.22 -14.18
C PHE A 140 10.01 -11.55 -13.73
N GLU A 141 9.64 -12.40 -14.70
CA GLU A 141 8.99 -13.67 -14.40
C GLU A 141 9.90 -14.63 -13.63
N ASP A 142 11.16 -14.71 -14.07
CA ASP A 142 12.17 -15.51 -13.40
C ASP A 142 12.37 -15.01 -11.97
N LEU A 143 12.43 -13.69 -11.81
CA LEU A 143 12.64 -13.12 -10.49
C LEU A 143 11.43 -13.41 -9.58
N GLU A 144 10.23 -13.34 -10.15
CA GLU A 144 9.02 -13.66 -9.41
C GLU A 144 9.04 -15.12 -8.91
N ARG A 145 9.45 -16.04 -9.77
N ARG A 145 9.45 -16.03 -9.78
CA ARG A 145 9.58 -17.45 -9.36
CA ARG A 145 9.61 -17.44 -9.41
C ARG A 145 10.58 -17.59 -8.21
C ARG A 145 10.58 -17.60 -8.24
N LYS A 146 11.71 -16.91 -8.33
CA LYS A 146 12.72 -16.96 -7.27
C LYS A 146 12.19 -16.37 -5.97
N TYR A 147 11.43 -15.29 -6.07
CA TYR A 147 10.86 -14.68 -4.86
C TYR A 147 9.97 -15.70 -4.12
N TRP A 148 9.02 -16.32 -4.81
CA TRP A 148 8.08 -17.18 -4.09
C TRP A 148 8.72 -18.49 -3.66
N LYS A 149 9.76 -18.90 -4.36
CA LYS A 149 10.46 -20.11 -4.00
CA LYS A 149 10.46 -20.11 -4.00
C LYS A 149 11.29 -19.92 -2.73
N ASN A 150 11.95 -18.77 -2.63
CA ASN A 150 13.00 -18.56 -1.64
C ASN A 150 12.79 -17.46 -0.60
N ARG A 151 11.70 -16.70 -0.71
CA ARG A 151 11.50 -15.57 0.20
C ARG A 151 11.60 -15.97 1.67
N ILE A 152 11.02 -17.10 2.05
CA ILE A 152 10.94 -17.38 3.48
C ILE A 152 12.30 -17.70 4.08
N TYR A 153 13.30 -17.98 3.25
CA TYR A 153 14.62 -18.38 3.76
C TYR A 153 15.55 -17.19 3.97
N ASN A 154 15.03 -15.99 3.79
CA ASN A 154 15.82 -14.78 4.01
C ASN A 154 15.02 -13.77 4.82
N SER A 155 15.70 -12.77 5.38
CA SER A 155 15.03 -11.74 6.14
CA SER A 155 15.00 -11.74 6.13
C SER A 155 15.50 -10.36 5.72
N PRO A 156 14.95 -9.84 4.62
CA PRO A 156 15.38 -8.54 4.11
C PRO A 156 14.99 -7.41 5.07
N ILE A 157 15.66 -6.28 4.93
CA ILE A 157 15.43 -5.14 5.82
C ILE A 157 14.72 -4.06 5.02
N TYR A 158 13.62 -3.53 5.57
N TYR A 158 13.63 -3.51 5.52
CA TYR A 158 12.73 -2.55 4.92
CA TYR A 158 13.01 -2.45 4.75
C TYR A 158 12.78 -1.22 5.70
C TYR A 158 12.64 -1.25 5.60
N GLY A 159 12.91 -0.09 5.01
CA GLY A 159 12.71 1.19 5.65
C GLY A 159 11.34 1.70 5.31
N ALA A 160 10.33 1.34 6.11
CA ALA A 160 8.94 1.67 5.78
C ALA A 160 8.35 2.75 6.66
N ASP A 161 7.28 3.37 6.18
CA ASP A 161 6.48 4.31 6.94
C ASP A 161 7.29 5.47 7.52
N ILE A 162 8.14 6.06 6.69
CA ILE A 162 8.94 7.19 7.07
C ILE A 162 8.22 8.47 6.64
N SER A 163 7.76 9.26 7.59
N SER A 163 7.80 9.27 7.59
CA SER A 163 7.05 10.49 7.22
CA SER A 163 7.11 10.52 7.28
C SER A 163 7.97 11.43 6.45
C SER A 163 8.00 11.45 6.45
N GLY A 164 7.52 11.87 5.28
CA GLY A 164 8.31 12.76 4.46
C GLY A 164 7.90 12.72 3.00
N SER A 165 8.56 13.54 2.18
CA SER A 165 8.27 13.59 0.75
C SER A 165 9.52 13.88 -0.05
N LEU A 166 9.59 13.33 -1.26
CA LEU A 166 10.68 13.64 -2.17
C LEU A 166 10.19 14.42 -3.39
N PHE A 167 8.93 14.86 -3.38
CA PHE A 167 8.46 15.73 -4.46
C PHE A 167 8.98 17.15 -4.26
N ASP A 168 9.51 17.73 -5.34
CA ASP A 168 9.91 19.13 -5.34
C ASP A 168 8.69 20.00 -5.03
N GLU A 169 8.85 21.02 -4.19
CA GLU A 169 7.70 21.85 -3.82
C GLU A 169 7.11 22.55 -5.04
N ASN A 170 7.92 22.71 -6.09
CA ASN A 170 7.47 23.37 -7.31
C ASN A 170 6.79 22.41 -8.29
N THR A 171 6.76 21.12 -7.97
CA THR A 171 6.03 20.17 -8.79
C THR A 171 4.55 20.33 -8.49
N LYS A 172 3.79 20.82 -9.45
CA LYS A 172 2.40 21.20 -9.19
C LYS A 172 1.41 20.09 -9.47
N GLN A 173 1.80 19.13 -10.32
N GLN A 173 1.77 19.14 -10.34
CA GLN A 173 0.91 18.04 -10.73
CA GLN A 173 0.86 18.05 -10.69
C GLN A 173 1.25 16.75 -9.99
C GLN A 173 1.23 16.77 -9.99
N TRP A 174 0.23 16.10 -9.42
CA TRP A 174 0.39 14.79 -8.80
C TRP A 174 1.51 14.77 -7.76
N ASN A 175 1.60 15.87 -7.01
CA ASN A 175 2.53 15.99 -5.90
C ASN A 175 1.86 15.39 -4.68
N LEU A 176 2.35 14.24 -4.22
CA LEU A 176 1.65 13.50 -3.17
C LEU A 176 1.65 14.22 -1.81
N GLY A 177 2.41 15.30 -1.68
CA GLY A 177 2.35 16.12 -0.47
C GLY A 177 1.43 17.33 -0.59
N HIS A 178 0.79 17.48 -1.75
CA HIS A 178 -0.10 18.62 -2.00
C HIS A 178 -1.52 18.20 -2.36
N LEU A 179 -1.91 16.98 -2.02
CA LEU A 179 -3.26 16.51 -2.33
C LEU A 179 -4.29 17.08 -1.37
N GLY A 180 -5.54 17.15 -1.82
CA GLY A 180 -6.65 17.47 -0.93
C GLY A 180 -6.72 16.43 0.17
N THR A 181 -7.00 16.86 1.39
CA THR A 181 -6.94 15.97 2.53
C THR A 181 -8.23 15.15 2.68
N ILE A 182 -8.11 13.99 3.30
CA ILE A 182 -9.27 13.16 3.58
CA ILE A 182 -9.29 13.18 3.52
C ILE A 182 -10.25 13.88 4.50
N GLN A 183 -9.70 14.64 5.43
CA GLN A 183 -10.54 15.39 6.36
C GLN A 183 -11.38 16.42 5.62
N ASP A 184 -10.79 17.09 4.64
CA ASP A 184 -11.55 18.05 3.85
C ASP A 184 -12.56 17.35 2.93
N LEU A 185 -12.21 16.16 2.43
CA LEU A 185 -13.17 15.41 1.64
C LEU A 185 -14.39 15.05 2.48
N LEU A 186 -14.17 14.53 3.69
N LEU A 186 -14.16 14.54 3.68
CA LEU A 186 -15.27 14.20 4.57
CA LEU A 186 -15.26 14.16 4.56
C LEU A 186 -16.13 15.41 4.85
C LEU A 186 -16.12 15.40 4.89
N GLU A 187 -15.48 16.54 5.08
CA GLU A 187 -16.21 17.76 5.36
C GLU A 187 -17.04 18.21 4.14
N LYS A 188 -16.46 18.14 2.95
CA LYS A 188 -17.18 18.52 1.74
C LYS A 188 -18.38 17.63 1.49
N GLU A 189 -18.24 16.33 1.76
CA GLU A 189 -19.29 15.38 1.48
C GLU A 189 -20.38 15.27 2.54
N CYS A 190 -19.96 15.38 3.80
N CYS A 190 -20.01 15.33 3.82
CA CYS A 190 -20.85 15.07 4.91
CA CYS A 190 -21.02 15.13 4.86
C CYS A 190 -21.14 16.27 5.79
C CYS A 190 -21.14 16.29 5.83
N GLY A 191 -20.41 17.38 5.55
CA GLY A 191 -20.63 18.62 6.28
C GLY A 191 -20.16 18.64 7.71
N VAL A 192 -19.29 17.71 8.10
CA VAL A 192 -18.73 17.69 9.46
CA VAL A 192 -18.75 17.79 9.45
C VAL A 192 -17.24 18.01 9.41
N VAL A 193 -16.79 18.92 10.25
CA VAL A 193 -15.39 19.26 10.36
C VAL A 193 -14.75 18.35 11.41
N ILE A 194 -13.60 17.77 11.08
CA ILE A 194 -12.91 16.89 12.02
C ILE A 194 -11.43 17.25 12.13
N GLU A 195 -10.86 16.90 13.28
CA GLU A 195 -9.42 16.99 13.49
C GLU A 195 -8.70 15.96 12.62
N GLY A 196 -7.38 16.13 12.48
CA GLY A 196 -6.55 15.15 11.82
C GLY A 196 -5.84 15.72 10.62
N VAL A 197 -4.72 15.09 10.29
CA VAL A 197 -3.94 15.44 9.12
C VAL A 197 -3.55 14.17 8.40
N ASN A 198 -2.93 14.36 7.22
N ASN A 198 -3.20 14.28 7.13
CA ASN A 198 -2.84 13.35 6.18
CA ASN A 198 -2.59 13.14 6.48
C ASN A 198 -1.56 13.57 5.32
C ASN A 198 -1.53 13.64 5.57
N THR A 199 -0.40 12.99 5.71
CA THR A 199 0.85 13.34 5.01
C THR A 199 1.50 12.10 4.40
N PRO A 200 2.41 12.30 3.43
CA PRO A 200 2.98 11.11 2.77
C PRO A 200 4.00 10.35 3.60
N TYR A 201 4.26 9.12 3.14
N TYR A 201 4.21 9.10 3.17
CA TYR A 201 5.29 8.28 3.74
CA TYR A 201 5.23 8.19 3.69
C TYR A 201 6.25 7.75 2.68
C TYR A 201 6.29 7.91 2.64
N LEU A 202 7.51 7.66 3.07
CA LEU A 202 8.56 7.13 2.20
C LEU A 202 8.83 5.67 2.58
N TYR A 203 9.19 4.88 1.56
CA TYR A 203 9.50 3.47 1.71
C TYR A 203 10.79 3.17 0.99
N PHE A 204 11.81 2.74 1.72
CA PHE A 204 13.05 2.32 1.10
C PHE A 204 13.10 0.81 1.13
N GLY A 205 13.20 0.18 -0.04
CA GLY A 205 13.14 -1.27 -0.14
C GLY A 205 14.40 -1.90 -0.68
N MET A 206 14.47 -3.22 -0.56
CA MET A 206 15.55 -3.99 -1.15
C MET A 206 14.95 -5.31 -1.66
N TRP A 207 15.77 -6.12 -2.32
CA TRP A 207 15.28 -7.41 -2.81
C TRP A 207 14.56 -8.19 -1.72
N LYS A 208 13.39 -8.71 -2.08
CA LYS A 208 12.52 -9.55 -1.23
C LYS A 208 11.75 -8.81 -0.15
N THR A 209 12.00 -7.52 0.03
CA THR A 209 11.20 -6.71 0.92
CA THR A 209 11.17 -6.80 1.00
C THR A 209 9.73 -6.87 0.50
N THR A 210 8.83 -7.07 1.47
CA THR A 210 7.49 -7.56 1.20
C THR A 210 6.40 -6.72 1.84
N PHE A 211 5.32 -6.45 1.11
CA PHE A 211 4.13 -5.93 1.76
C PHE A 211 3.03 -6.98 1.74
N ALA A 212 2.52 -7.27 2.94
CA ALA A 212 1.55 -8.32 3.16
C ALA A 212 0.17 -7.95 2.59
N TRP A 213 -0.69 -8.96 2.43
CA TRP A 213 -2.06 -8.73 1.96
C TRP A 213 -2.84 -7.79 2.86
N HIS A 214 -3.36 -6.70 2.28
CA HIS A 214 -4.13 -5.74 3.07
C HIS A 214 -4.97 -4.84 2.18
N THR A 215 -6.00 -4.26 2.77
CA THR A 215 -6.59 -3.06 2.21
C THR A 215 -6.10 -1.86 3.04
N GLU A 216 -6.37 -0.65 2.59
CA GLU A 216 -5.93 0.52 3.33
C GLU A 216 -6.75 0.73 4.58
N ASP A 217 -6.22 1.48 5.54
CA ASP A 217 -6.98 1.95 6.69
C ASP A 217 -8.32 2.51 6.23
N MET A 218 -9.42 2.12 6.87
CA MET A 218 -10.77 2.58 6.54
CA MET A 218 -10.74 2.63 6.54
C MET A 218 -11.12 2.34 5.09
N ASP A 219 -10.42 1.38 4.46
CA ASP A 219 -10.58 1.03 3.05
C ASP A 219 -10.49 2.26 2.15
N LEU A 220 -9.55 3.15 2.50
CA LEU A 220 -9.23 4.31 1.67
C LEU A 220 -8.56 3.94 0.35
N TYR A 221 -8.45 4.91 -0.54
CA TYR A 221 -7.54 4.75 -1.68
C TYR A 221 -6.11 4.90 -1.18
N SER A 222 -5.16 4.42 -1.98
CA SER A 222 -3.79 4.85 -1.82
CA SER A 222 -3.78 4.82 -1.82
C SER A 222 -3.21 5.19 -3.18
N ILE A 223 -2.18 6.03 -3.17
CA ILE A 223 -1.43 6.33 -4.38
C ILE A 223 0.04 6.20 -4.02
N ASN A 224 0.78 5.58 -4.91
CA ASN A 224 2.14 5.18 -4.67
C ASN A 224 3.01 5.56 -5.85
N TYR A 225 4.04 6.38 -5.62
CA TYR A 225 4.96 6.77 -6.68
C TYR A 225 6.31 6.11 -6.45
N LEU A 226 6.82 5.39 -7.45
CA LEU A 226 8.15 4.79 -7.34
C LEU A 226 9.18 5.81 -7.81
N HIS A 227 9.86 6.45 -6.85
CA HIS A 227 10.77 7.54 -7.17
C HIS A 227 12.02 7.10 -7.90
N LEU A 228 12.58 5.97 -7.48
N LEU A 228 12.58 5.97 -7.49
CA LEU A 228 13.95 5.63 -7.83
CA LEU A 228 13.86 5.55 -7.99
C LEU A 228 14.26 4.15 -7.58
C LEU A 228 14.08 4.08 -7.74
N GLY A 229 15.02 3.53 -8.48
CA GLY A 229 15.53 2.19 -8.22
C GLY A 229 14.80 1.09 -8.93
N GLU A 230 14.86 -0.09 -8.32
CA GLU A 230 14.38 -1.31 -8.94
C GLU A 230 12.86 -1.44 -8.80
N PRO A 231 12.24 -2.32 -9.60
CA PRO A 231 10.77 -2.38 -9.60
C PRO A 231 10.12 -2.93 -8.33
N LYS A 232 8.79 -2.80 -8.33
CA LYS A 232 7.93 -3.31 -7.29
CA LYS A 232 7.95 -3.37 -7.30
C LYS A 232 6.83 -4.13 -7.96
N THR A 233 6.68 -5.41 -7.60
CA THR A 233 5.59 -6.23 -8.16
C THR A 233 4.41 -6.25 -7.21
N TRP A 234 3.22 -6.04 -7.78
CA TRP A 234 1.96 -5.97 -7.05
C TRP A 234 1.04 -7.12 -7.41
N TYR A 235 0.33 -7.64 -6.41
CA TYR A 235 -0.79 -8.55 -6.61
C TYR A 235 -2.05 -7.88 -6.05
N VAL A 236 -3.20 -8.08 -6.69
CA VAL A 236 -4.41 -7.39 -6.25
C VAL A 236 -5.67 -8.23 -6.51
N VAL A 237 -6.59 -8.22 -5.55
CA VAL A 237 -7.89 -8.87 -5.69
C VAL A 237 -8.96 -7.81 -5.96
N PRO A 238 -9.79 -8.03 -7.00
CA PRO A 238 -10.87 -7.05 -7.27
C PRO A 238 -11.70 -6.80 -6.01
N PRO A 239 -12.05 -5.52 -5.73
CA PRO A 239 -12.86 -5.25 -4.54
C PRO A 239 -14.15 -6.07 -4.47
N GLU A 240 -14.77 -6.36 -5.61
CA GLU A 240 -16.02 -7.12 -5.55
C GLU A 240 -15.79 -8.57 -5.09
N HIS A 241 -14.53 -9.00 -5.04
CA HIS A 241 -14.20 -10.35 -4.60
C HIS A 241 -13.33 -10.41 -3.34
N GLY A 242 -13.23 -9.28 -2.65
CA GLY A 242 -12.39 -9.21 -1.47
C GLY A 242 -12.75 -10.23 -0.40
N GLN A 243 -14.04 -10.51 -0.25
CA GLN A 243 -14.44 -11.46 0.78
CA GLN A 243 -14.49 -11.47 0.76
C GLN A 243 -13.96 -12.88 0.47
N ARG A 244 -13.73 -13.18 -0.80
CA ARG A 244 -13.17 -14.49 -1.16
C ARG A 244 -11.75 -14.62 -0.63
N LEU A 245 -10.97 -13.55 -0.72
CA LEU A 245 -9.64 -13.57 -0.16
C LEU A 245 -9.70 -13.72 1.36
N GLU A 246 -10.61 -12.98 2.00
CA GLU A 246 -10.76 -13.08 3.46
C GLU A 246 -11.07 -14.49 3.90
N ARG A 247 -12.00 -15.15 3.20
CA ARG A 247 -12.37 -16.52 3.54
C ARG A 247 -11.19 -17.46 3.42
N LEU A 248 -10.40 -17.33 2.35
CA LEU A 248 -9.22 -18.18 2.21
C LEU A 248 -8.22 -17.88 3.32
N ALA A 249 -8.02 -16.61 3.62
CA ALA A 249 -7.08 -16.23 4.67
C ALA A 249 -7.48 -16.84 6.01
N ARG A 250 -8.78 -16.88 6.30
N ARG A 250 -8.77 -16.87 6.31
CA ARG A 250 -9.22 -17.48 7.56
CA ARG A 250 -9.23 -17.47 7.56
C ARG A 250 -8.92 -18.97 7.62
C ARG A 250 -8.89 -18.96 7.60
N GLU A 251 -9.00 -19.63 6.46
CA GLU A 251 -8.64 -21.05 6.38
C GLU A 251 -7.13 -21.27 6.51
N LEU A 252 -6.35 -20.39 5.91
CA LEU A 252 -4.90 -20.58 5.86
C LEU A 252 -4.16 -20.09 7.10
N PHE A 253 -4.80 -19.20 7.86
CA PHE A 253 -4.22 -18.65 9.09
C PHE A 253 -5.24 -18.79 10.23
N PRO A 254 -5.54 -20.04 10.61
CA PRO A 254 -6.68 -20.28 11.49
C PRO A 254 -6.51 -19.68 12.90
N GLY A 255 -5.33 -19.78 13.49
CA GLY A 255 -5.11 -19.17 14.80
C GLY A 255 -5.24 -17.65 14.75
N SER A 256 -4.70 -17.04 13.71
CA SER A 256 -4.80 -15.59 13.53
C SER A 256 -6.25 -15.14 13.45
N SER A 257 -7.04 -15.90 12.69
CA SER A 257 -8.44 -15.61 12.50
C SER A 257 -9.22 -15.70 13.81
N ARG A 258 -8.88 -16.68 14.64
CA ARG A 258 -9.56 -16.80 15.92
C ARG A 258 -9.22 -15.63 16.84
N GLY A 259 -8.02 -15.08 16.69
CA GLY A 259 -7.56 -14.00 17.54
C GLY A 259 -8.14 -12.64 17.20
N CYS A 260 -8.50 -12.46 15.94
CA CYS A 260 -9.00 -11.16 15.48
C CYS A 260 -9.88 -11.30 14.25
N GLY A 261 -11.06 -10.69 14.29
CA GLY A 261 -12.01 -10.76 13.20
C GLY A 261 -11.59 -9.99 11.96
N ALA A 262 -10.52 -9.22 12.08
CA ALA A 262 -9.96 -8.48 10.96
C ALA A 262 -8.44 -8.59 10.93
N PHE A 263 -7.92 -9.79 11.09
CA PHE A 263 -6.48 -9.94 11.27
C PHE A 263 -5.64 -9.53 10.05
N LEU A 264 -6.23 -9.43 8.86
CA LEU A 264 -5.42 -8.97 7.74
C LEU A 264 -4.99 -7.52 7.94
N ARG A 265 -5.71 -6.79 8.80
CA ARG A 265 -5.30 -5.45 9.20
C ARG A 265 -3.94 -5.43 9.90
N HIS A 266 -3.49 -6.59 10.38
CA HIS A 266 -2.18 -6.67 11.04
C HIS A 266 -1.05 -6.58 10.02
N LYS A 267 -1.41 -6.79 8.75
N LYS A 267 -1.37 -6.80 8.73
CA LYS A 267 -0.50 -6.64 7.62
CA LYS A 267 -0.36 -6.82 7.67
C LYS A 267 0.77 -7.47 7.78
C LYS A 267 0.76 -7.82 7.91
N VAL A 268 0.58 -8.77 8.00
N VAL A 268 0.39 -9.07 8.17
CA VAL A 268 1.71 -9.68 8.19
CA VAL A 268 1.39 -10.11 8.39
C VAL A 268 1.55 -11.00 7.42
C VAL A 268 1.26 -11.30 7.44
N ALA A 269 0.45 -11.16 6.69
N ALA A 269 0.14 -11.44 6.74
CA ALA A 269 0.15 -12.44 6.03
CA ALA A 269 -0.14 -12.66 5.98
C ALA A 269 0.46 -12.42 4.54
C ALA A 269 0.23 -12.56 4.51
N LEU A 270 1.04 -13.52 4.04
CA LEU A 270 1.36 -13.65 2.61
C LEU A 270 0.80 -14.96 2.07
N ILE A 271 0.24 -14.87 0.86
CA ILE A 271 -0.29 -16.00 0.12
C ILE A 271 0.19 -15.84 -1.30
N SER A 272 0.83 -16.87 -1.87
CA SER A 272 1.41 -16.77 -3.20
C SER A 272 0.35 -16.81 -4.32
N PRO A 273 0.71 -16.33 -5.52
CA PRO A 273 -0.24 -16.43 -6.64
C PRO A 273 -0.59 -17.88 -6.97
N THR A 274 0.34 -18.81 -6.77
CA THR A 274 0.03 -20.22 -7.00
C THR A 274 -1.06 -20.72 -6.05
N VAL A 275 -0.96 -20.36 -4.78
CA VAL A 275 -1.98 -20.77 -3.82
C VAL A 275 -3.32 -20.08 -4.11
N LEU A 276 -3.28 -18.82 -4.49
CA LEU A 276 -4.52 -18.14 -4.89
C LEU A 276 -5.18 -18.88 -6.06
N LYS A 277 -4.38 -19.21 -7.08
CA LYS A 277 -4.93 -19.93 -8.24
C LYS A 277 -5.51 -21.29 -7.85
N GLU A 278 -4.80 -22.00 -6.97
CA GLU A 278 -5.26 -23.33 -6.54
C GLU A 278 -6.60 -23.24 -5.83
N ASN A 279 -6.87 -22.11 -5.21
CA ASN A 279 -8.11 -21.90 -4.48
C ASN A 279 -9.13 -21.04 -5.21
N GLY A 280 -8.89 -20.78 -6.49
CA GLY A 280 -9.83 -20.07 -7.33
C GLY A 280 -10.09 -18.63 -6.93
N ILE A 281 -9.14 -17.99 -6.25
CA ILE A 281 -9.29 -16.59 -5.89
C ILE A 281 -8.95 -15.69 -7.08
N PRO A 282 -9.89 -14.83 -7.51
CA PRO A 282 -9.59 -13.92 -8.61
C PRO A 282 -8.53 -12.89 -8.21
N PHE A 283 -7.51 -12.72 -9.04
CA PHE A 283 -6.50 -11.71 -8.76
C PHE A 283 -5.77 -11.35 -10.04
N ASN A 284 -5.00 -10.27 -9.97
CA ASN A 284 -4.13 -9.87 -11.07
C ASN A 284 -2.79 -9.44 -10.52
N ARG A 285 -1.82 -9.32 -11.42
CA ARG A 285 -0.50 -8.88 -11.01
C ARG A 285 0.05 -7.91 -12.03
N ILE A 286 0.94 -7.04 -11.57
CA ILE A 286 1.60 -6.08 -12.43
C ILE A 286 2.86 -5.59 -11.77
N THR A 287 3.85 -5.22 -12.58
CA THR A 287 5.09 -4.69 -12.03
C THR A 287 5.20 -3.20 -12.31
N GLN A 288 5.43 -2.44 -11.24
CA GLN A 288 5.62 -0.99 -11.27
C GLN A 288 7.10 -0.67 -11.40
N GLU A 289 7.46 0.24 -12.32
CA GLU A 289 8.83 0.66 -12.49
C GLU A 289 9.03 2.11 -12.07
N ALA A 290 10.28 2.51 -11.90
CA ALA A 290 10.58 3.86 -11.45
C ALA A 290 9.94 4.89 -12.39
N GLY A 291 9.35 5.92 -11.80
CA GLY A 291 8.68 6.96 -12.58
C GLY A 291 7.20 6.71 -12.79
N GLU A 292 6.67 5.64 -12.22
CA GLU A 292 5.26 5.28 -12.42
C GLU A 292 4.46 5.37 -11.12
N PHE A 293 3.21 5.81 -11.23
CA PHE A 293 2.26 5.80 -10.13
C PHE A 293 1.39 4.56 -10.15
N MET A 294 1.06 4.04 -8.97
CA MET A 294 -0.01 3.07 -8.82
C MET A 294 -1.07 3.66 -7.91
N VAL A 295 -2.34 3.41 -8.22
CA VAL A 295 -3.44 3.77 -7.33
C VAL A 295 -4.14 2.49 -6.89
N THR A 296 -4.30 2.30 -5.58
CA THR A 296 -5.19 1.23 -5.11
C THR A 296 -6.53 1.84 -4.74
N PHE A 297 -7.59 1.08 -5.01
CA PHE A 297 -8.95 1.56 -4.85
C PHE A 297 -9.57 0.97 -3.59
N PRO A 298 -10.61 1.61 -3.07
CA PRO A 298 -11.24 1.14 -1.82
C PRO A 298 -11.53 -0.36 -1.83
N TYR A 299 -11.05 -1.03 -0.79
CA TYR A 299 -11.27 -2.45 -0.54
C TYR A 299 -10.62 -3.33 -1.61
N GLY A 300 -9.58 -2.81 -2.26
CA GLY A 300 -8.75 -3.60 -3.15
C GLY A 300 -7.59 -4.19 -2.38
N TYR A 301 -7.69 -5.48 -2.01
CA TYR A 301 -6.61 -6.16 -1.31
C TYR A 301 -5.38 -6.21 -2.20
N HIS A 302 -4.22 -5.89 -1.64
CA HIS A 302 -2.99 -5.97 -2.41
C HIS A 302 -1.82 -6.44 -1.55
N ALA A 303 -0.81 -6.96 -2.23
CA ALA A 303 0.42 -7.48 -1.63
C ALA A 303 1.51 -7.38 -2.69
N GLY A 304 2.77 -7.51 -2.29
CA GLY A 304 3.82 -7.51 -3.28
C GLY A 304 5.21 -7.48 -2.71
N PHE A 305 6.19 -7.23 -3.58
CA PHE A 305 7.58 -7.27 -3.17
C PHE A 305 8.44 -6.38 -4.04
N ASN A 306 9.58 -5.98 -3.51
CA ASN A 306 10.55 -5.17 -4.23
C ASN A 306 11.64 -6.01 -4.89
N HIS A 307 12.09 -5.57 -6.06
CA HIS A 307 13.06 -6.30 -6.83
C HIS A 307 14.50 -6.06 -6.40
N GLY A 308 14.75 -4.96 -5.69
CA GLY A 308 16.09 -4.51 -5.37
C GLY A 308 15.97 -3.15 -4.71
N PHE A 309 17.08 -2.46 -4.49
CA PHE A 309 17.02 -1.17 -3.82
C PHE A 309 16.09 -0.22 -4.54
N ASN A 310 15.16 0.39 -3.81
CA ASN A 310 14.29 1.40 -4.39
C ASN A 310 13.73 2.31 -3.32
N CYS A 311 13.04 3.36 -3.79
CA CYS A 311 12.38 4.30 -2.91
C CYS A 311 11.04 4.65 -3.48
N ALA A 312 9.98 4.46 -2.70
CA ALA A 312 8.63 4.82 -3.08
C ALA A 312 8.05 5.81 -2.08
N GLU A 313 7.07 6.57 -2.53
CA GLU A 313 6.33 7.50 -1.67
C GLU A 313 4.86 7.20 -1.83
N ALA A 314 4.11 7.18 -0.72
CA ALA A 314 2.71 6.85 -0.80
C ALA A 314 1.88 7.61 0.21
N ILE A 315 0.60 7.77 -0.10
CA ILE A 315 -0.32 8.45 0.79
C ILE A 315 -1.73 7.92 0.54
N ASN A 316 -2.56 7.93 1.58
CA ASN A 316 -3.96 7.64 1.40
C ASN A 316 -4.73 8.86 0.95
N PHE A 317 -5.80 8.63 0.18
CA PHE A 317 -6.70 9.72 -0.19
C PHE A 317 -8.12 9.20 -0.32
N ALA A 318 -9.05 10.12 -0.46
CA ALA A 318 -10.46 9.78 -0.58
C ALA A 318 -11.13 10.52 -1.73
N THR A 319 -12.27 9.99 -2.15
CA THR A 319 -13.16 10.61 -3.13
C THR A 319 -14.57 10.45 -2.60
N PRO A 320 -15.56 11.09 -3.25
CA PRO A 320 -16.93 10.85 -2.78
C PRO A 320 -17.32 9.37 -2.77
N ARG A 321 -16.86 8.59 -3.74
CA ARG A 321 -17.21 7.17 -3.80
C ARG A 321 -16.64 6.38 -2.61
N TRP A 322 -15.58 6.87 -1.99
CA TRP A 322 -15.00 6.18 -0.85
C TRP A 322 -15.94 6.13 0.37
N ILE A 323 -16.77 7.16 0.56
CA ILE A 323 -17.49 7.30 1.82
C ILE A 323 -18.24 6.01 2.21
N ASP A 324 -18.93 5.39 1.26
CA ASP A 324 -19.66 4.18 1.59
C ASP A 324 -18.74 3.00 1.97
N TYR A 325 -17.55 2.95 1.40
CA TYR A 325 -16.58 1.95 1.81
C TYR A 325 -16.08 2.24 3.23
N GLY A 326 -15.83 3.49 3.53
CA GLY A 326 -15.38 3.85 4.87
C GLY A 326 -16.39 3.41 5.92
N LYS A 327 -17.68 3.54 5.65
CA LYS A 327 -18.73 3.13 6.57
C LYS A 327 -18.72 1.64 6.87
N MET A 328 -18.27 0.87 5.90
CA MET A 328 -18.36 -0.58 5.96
C MET A 328 -17.04 -1.25 6.31
N ALA A 329 -15.97 -0.47 6.43
CA ALA A 329 -14.65 -1.04 6.66
C ALA A 329 -14.58 -1.84 7.95
N SER A 330 -13.98 -3.02 7.88
CA SER A 330 -13.71 -3.80 9.07
C SER A 330 -12.67 -3.10 9.94
N GLN A 331 -12.68 -3.40 11.22
CA GLN A 331 -11.68 -2.85 12.13
C GLN A 331 -11.03 -3.90 12.98
N CYS A 332 -9.73 -3.73 13.21
CA CYS A 332 -9.05 -4.50 14.23
C CYS A 332 -9.16 -3.80 15.58
N SER A 333 -9.61 -4.53 16.60
CA SER A 333 -9.57 -4.02 17.96
C SER A 333 -9.05 -5.07 18.91
N CYS A 334 -8.26 -6.02 18.40
CA CYS A 334 -7.56 -6.97 19.26
C CYS A 334 -6.34 -6.27 19.82
N GLY A 335 -6.01 -5.11 19.27
CA GLY A 335 -4.87 -4.33 19.71
C GLY A 335 -3.69 -4.33 18.76
N GLU A 336 -3.58 -5.36 17.92
CA GLU A 336 -2.41 -5.53 17.07
C GLU A 336 -2.24 -4.42 16.03
N ALA A 337 -3.27 -4.16 15.23
CA ALA A 337 -3.15 -3.20 14.13
C ALA A 337 -2.89 -1.79 14.65
N ARG A 338 -1.85 -1.17 14.12
CA ARG A 338 -1.51 0.21 14.47
C ARG A 338 -2.34 1.16 13.62
N VAL A 339 -2.85 2.22 14.24
CA VAL A 339 -3.71 3.14 13.52
C VAL A 339 -3.34 4.58 13.84
N THR A 340 -3.29 5.40 12.79
CA THR A 340 -2.94 6.81 12.93
CA THR A 340 -2.93 6.80 12.95
C THR A 340 -3.93 7.55 13.81
N PHE A 341 -3.49 8.69 14.32
CA PHE A 341 -4.32 9.58 15.10
C PHE A 341 -5.57 10.01 14.31
N SER A 342 -5.38 10.16 13.01
N SER A 342 -5.39 10.15 13.01
CA SER A 342 -6.43 10.67 12.14
CA SER A 342 -6.45 10.67 12.17
C SER A 342 -7.55 9.65 11.92
C SER A 342 -7.55 9.66 11.90
N MET A 343 -7.22 8.37 12.04
CA MET A 343 -8.23 7.34 11.78
CA MET A 343 -8.21 7.33 11.77
C MET A 343 -9.34 7.33 12.82
N ASP A 344 -9.02 7.80 14.03
N ASP A 344 -9.06 7.91 13.99
CA ASP A 344 -10.01 7.96 15.10
CA ASP A 344 -10.03 7.92 15.08
C ASP A 344 -11.28 8.66 14.64
C ASP A 344 -11.29 8.71 14.72
N ALA A 345 -11.11 9.84 14.05
CA ALA A 345 -12.23 10.66 13.65
C ALA A 345 -13.05 9.98 12.56
N PHE A 346 -12.38 9.26 11.66
N PHE A 346 -12.41 9.21 11.68
CA PHE A 346 -13.07 8.53 10.61
CA PHE A 346 -13.17 8.56 10.63
C PHE A 346 -14.04 7.51 11.23
C PHE A 346 -14.02 7.41 11.16
N VAL A 347 -13.54 6.72 12.19
CA VAL A 347 -14.37 5.71 12.85
C VAL A 347 -15.48 6.40 13.64
N ARG A 348 -15.13 7.48 14.35
CA ARG A 348 -16.11 8.20 15.15
C ARG A 348 -17.31 8.68 14.34
N ILE A 349 -17.04 9.25 13.16
CA ILE A 349 -18.12 9.81 12.35
C ILE A 349 -18.79 8.76 11.47
N LEU A 350 -18.00 7.89 10.83
CA LEU A 350 -18.60 6.96 9.88
C LEU A 350 -19.10 5.67 10.52
N GLN A 351 -18.52 5.30 11.67
N GLN A 351 -18.52 5.28 11.65
CA GLN A 351 -18.89 4.05 12.35
CA GLN A 351 -18.92 4.05 12.35
C GLN A 351 -19.17 4.26 13.85
C GLN A 351 -19.13 4.31 13.83
N PRO A 352 -20.10 5.16 14.18
CA PRO A 352 -20.28 5.51 15.59
C PRO A 352 -20.60 4.32 16.50
N GLU A 353 -21.30 3.31 15.99
N GLU A 353 -21.32 3.31 16.02
CA GLU A 353 -21.61 2.11 16.79
CA GLU A 353 -21.55 2.17 16.89
C GLU A 353 -20.35 1.34 17.18
C GLU A 353 -20.24 1.49 17.26
N ARG A 354 -19.42 1.23 16.25
CA ARG A 354 -18.17 0.54 16.50
C ARG A 354 -17.23 1.38 17.37
N TYR A 355 -17.28 2.69 17.18
N TYR A 355 -17.31 2.69 17.20
CA TYR A 355 -16.28 3.61 17.75
CA TYR A 355 -16.51 3.62 17.98
C TYR A 355 -15.85 3.26 19.18
C TYR A 355 -16.93 3.60 19.45
N ASP A 356 -16.80 2.87 20.01
N ASP A 356 -18.23 3.68 19.67
CA ASP A 356 -16.51 2.50 21.39
CA ASP A 356 -18.78 3.66 21.02
C ASP A 356 -15.54 1.33 21.49
C ASP A 356 -18.41 2.38 21.75
N LEU A 357 -15.93 0.18 20.95
N LEU A 357 -18.53 1.24 21.07
CA LEU A 357 -15.09 -1.02 21.01
CA LEU A 357 -18.15 -0.04 21.66
C LEU A 357 -13.76 -0.83 20.31
C LEU A 357 -16.66 -0.08 21.99
N TRP A 358 -13.78 -0.14 19.17
N TRP A 358 -15.84 0.47 21.11
CA TRP A 358 -12.54 0.15 18.45
CA TRP A 358 -14.39 0.52 21.30
C TRP A 358 -11.68 1.11 19.26
C TRP A 358 -14.02 1.30 22.56
N LYS A 359 -14.74 2.40 22.80
CA LYS A 359 -14.63 3.15 24.04
C LYS A 359 -14.92 2.21 25.21
N ARG A 360 -16.19 1.86 25.40
CA ARG A 360 -16.54 0.96 26.50
C ARG A 360 -16.19 -0.48 26.17
#